data_3B68
#
_entry.id   3B68
#
_cell.length_a   54.725
_cell.length_b   66.575
_cell.length_c   68.644
_cell.angle_alpha   90.00
_cell.angle_beta   90.00
_cell.angle_gamma   90.00
#
_symmetry.space_group_name_H-M   'P 21 21 21'
#
loop_
_entity.id
_entity.type
_entity.pdbx_description
1 polymer 'Androgen receptor'
2 non-polymer (2S)-3-[4-(acetylamino)phenoxy]-2-hydroxy-2-methyl-N-[4-nitro-3-(trifluoromethyl)phenyl]propanamide
3 water water
#
_entity_poly.entity_id   1
_entity_poly.type   'polypeptide(L)'
_entity_poly.pdbx_seq_one_letter_code
;PIFLNVLEAIEPGVVCAGHDNNQPDSFAALLSSLNELGERQLVHVVKWAKALPGFRNLHVDDQMAVIQYSWMGLMVFAMG
WRSFTNVNSRMLYFAPDLVFNEYRMHKSRMYSQCVRMRHLSQEFGWLQITPQEFLCMKALLLFSIIPVDGLKNQKFFDEL
RMNYIKELDRIIACKRKNPTSCSRRFYQLTKLLDSVQPIARELHQFTFDLLIKSHMVSVDFPEMMAEIISVQVPKILSGK
VKPIYFHTQ
;
_entity_poly.pdbx_strand_id   A
#
# COMPACT_ATOMS: atom_id res chain seq x y z
N PRO A 1 -4.76 6.55 24.53
CA PRO A 1 -4.38 6.39 23.10
C PRO A 1 -4.15 4.91 22.85
N ILE A 2 -5.10 4.09 23.31
CA ILE A 2 -5.02 2.64 23.16
C ILE A 2 -4.91 2.21 21.70
N PHE A 3 -5.76 2.78 20.84
CA PHE A 3 -5.74 2.43 19.43
C PHE A 3 -4.40 2.72 18.75
N LEU A 4 -3.88 3.93 18.95
CA LEU A 4 -2.60 4.34 18.36
C LEU A 4 -1.41 3.61 18.95
N ASN A 5 -1.51 3.23 20.22
CA ASN A 5 -0.43 2.48 20.87
C ASN A 5 -0.29 1.16 20.13
N VAL A 6 -1.45 0.61 19.76
CA VAL A 6 -1.48 -0.66 19.05
C VAL A 6 -0.90 -0.54 17.64
N LEU A 7 -1.31 0.48 16.89
CA LEU A 7 -0.82 0.68 15.53
C LEU A 7 0.69 0.90 15.51
N GLU A 8 1.20 1.66 16.47
CA GLU A 8 2.64 1.90 16.53
C GLU A 8 3.35 0.60 16.86
N ALA A 9 2.79 -0.13 17.84
CA ALA A 9 3.37 -1.39 18.31
C ALA A 9 3.55 -2.46 17.23
N ILE A 10 2.60 -2.53 16.29
CA ILE A 10 2.65 -3.53 15.22
C ILE A 10 3.25 -3.06 13.89
N GLU A 11 3.65 -1.79 13.80
CA GLU A 11 4.23 -1.26 12.56
C GLU A 11 5.50 -2.05 12.21
N PRO A 12 5.54 -2.67 11.02
CA PRO A 12 6.71 -3.44 10.60
C PRO A 12 7.99 -2.62 10.61
N GLY A 13 9.11 -3.29 10.82
CA GLY A 13 10.39 -2.60 10.81
C GLY A 13 10.95 -2.59 9.40
N VAL A 14 12.26 -2.38 9.30
CA VAL A 14 12.94 -2.33 8.02
C VAL A 14 12.96 -3.68 7.29
N VAL A 15 12.63 -3.64 6.02
CA VAL A 15 12.64 -4.85 5.21
C VAL A 15 13.52 -4.53 4.01
N CYS A 16 14.54 -5.37 3.80
CA CYS A 16 15.47 -5.17 2.71
C CYS A 16 15.14 -6.08 1.53
N ALA A 17 15.42 -5.61 0.33
CA ALA A 17 15.14 -6.36 -0.89
C ALA A 17 16.21 -7.41 -1.22
N GLY A 18 17.42 -7.23 -0.72
CA GLY A 18 18.49 -8.17 -1.02
C GLY A 18 19.06 -7.92 -2.42
N HIS A 19 18.87 -6.71 -2.92
CA HIS A 19 19.35 -6.32 -4.25
C HIS A 19 20.87 -6.11 -4.29
N ASP A 20 21.50 -6.56 -5.38
CA ASP A 20 22.95 -6.39 -5.54
C ASP A 20 23.17 -5.04 -6.22
N ASN A 21 23.52 -4.04 -5.41
CA ASN A 21 23.72 -2.69 -5.92
C ASN A 21 25.06 -2.37 -6.59
N ASN A 22 25.99 -3.31 -6.60
CA ASN A 22 27.27 -3.03 -7.26
C ASN A 22 27.26 -3.59 -8.68
N GLN A 23 26.09 -4.07 -9.07
CA GLN A 23 25.89 -4.64 -10.39
C GLN A 23 25.21 -3.52 -11.20
N PRO A 24 25.60 -3.34 -12.47
CA PRO A 24 24.94 -2.28 -13.23
C PRO A 24 23.43 -2.52 -13.28
N ASP A 25 22.65 -1.45 -13.29
CA ASP A 25 21.20 -1.59 -13.33
C ASP A 25 20.73 -2.28 -14.61
N SER A 26 19.74 -3.15 -14.46
CA SER A 26 19.16 -3.85 -15.60
C SER A 26 17.70 -4.05 -15.23
N PHE A 27 16.84 -4.12 -16.24
CA PHE A 27 15.43 -4.32 -16.02
C PHE A 27 15.20 -5.64 -15.27
N ALA A 28 15.74 -6.73 -15.79
CA ALA A 28 15.57 -8.04 -15.17
C ALA A 28 15.93 -8.12 -13.68
N ALA A 29 17.06 -7.53 -13.28
CA ALA A 29 17.48 -7.56 -11.87
C ALA A 29 16.66 -6.63 -10.97
N LEU A 30 16.33 -5.45 -11.48
CA LEU A 30 15.55 -4.50 -10.70
C LEU A 30 14.18 -5.10 -10.39
N LEU A 31 13.53 -5.66 -11.41
CA LEU A 31 12.21 -6.26 -11.23
C LEU A 31 12.26 -7.51 -10.36
N SER A 32 13.28 -8.34 -10.56
CA SER A 32 13.41 -9.55 -9.76
C SER A 32 13.53 -9.17 -8.28
N SER A 33 14.22 -8.08 -7.99
CA SER A 33 14.40 -7.62 -6.62
C SER A 33 13.12 -6.95 -6.11
N LEU A 34 12.37 -6.33 -7.01
CA LEU A 34 11.12 -5.70 -6.61
C LEU A 34 10.12 -6.81 -6.28
N ASN A 35 10.19 -7.92 -7.02
CA ASN A 35 9.29 -9.05 -6.78
C ASN A 35 9.63 -9.71 -5.45
N GLU A 36 10.91 -9.95 -5.23
CA GLU A 36 11.38 -10.56 -3.99
C GLU A 36 11.00 -9.64 -2.82
N LEU A 37 11.24 -8.35 -3.00
CA LEU A 37 10.91 -7.37 -1.98
C LEU A 37 9.42 -7.38 -1.69
N GLY A 38 8.63 -7.36 -2.76
CA GLY A 38 7.18 -7.39 -2.60
C GLY A 38 6.78 -8.56 -1.74
N GLU A 39 7.37 -9.71 -2.00
CA GLU A 39 7.07 -10.92 -1.24
C GLU A 39 7.53 -10.81 0.21
N ARG A 40 8.71 -10.28 0.44
CA ARG A 40 9.21 -10.14 1.79
C ARG A 40 8.29 -9.24 2.59
N GLN A 41 7.73 -8.22 1.94
CA GLN A 41 6.84 -7.31 2.63
C GLN A 41 5.49 -7.96 2.94
N LEU A 42 4.97 -8.77 2.02
CA LEU A 42 3.71 -9.44 2.24
C LEU A 42 3.73 -10.23 3.55
N VAL A 43 4.86 -10.86 3.84
CA VAL A 43 5.02 -11.65 5.06
C VAL A 43 4.73 -10.77 6.29
N HIS A 44 5.17 -9.52 6.23
CA HIS A 44 4.96 -8.58 7.33
C HIS A 44 3.57 -7.95 7.27
N VAL A 45 3.01 -7.81 6.08
CA VAL A 45 1.67 -7.24 5.95
C VAL A 45 0.65 -8.19 6.58
N VAL A 46 0.90 -9.48 6.41
CA VAL A 46 0.03 -10.51 6.97
C VAL A 46 0.10 -10.54 8.49
N LYS A 47 1.32 -10.52 9.04
CA LYS A 47 1.47 -10.54 10.48
C LYS A 47 0.96 -9.23 11.08
N TRP A 48 1.14 -8.14 10.34
CA TRP A 48 0.69 -6.82 10.78
C TRP A 48 -0.84 -6.73 10.78
N ALA A 49 -1.47 -7.13 9.67
CA ALA A 49 -2.92 -7.07 9.55
C ALA A 49 -3.63 -7.92 10.59
N LYS A 50 -3.11 -9.13 10.84
CA LYS A 50 -3.73 -10.01 11.82
C LYS A 50 -3.63 -9.50 13.26
N ALA A 51 -2.72 -8.56 13.51
CA ALA A 51 -2.55 -7.98 14.85
C ALA A 51 -3.32 -6.68 14.99
N LEU A 52 -4.05 -6.32 13.93
CA LEU A 52 -4.83 -5.09 13.92
C LEU A 52 -6.10 -5.29 14.75
N PRO A 53 -6.51 -4.27 15.51
CA PRO A 53 -7.73 -4.40 16.32
C PRO A 53 -8.91 -4.86 15.45
N GLY A 54 -9.64 -5.87 15.93
CA GLY A 54 -10.81 -6.35 15.23
C GLY A 54 -10.66 -7.16 13.94
N PHE A 55 -9.45 -7.21 13.38
CA PHE A 55 -9.25 -7.95 12.13
C PHE A 55 -9.65 -9.42 12.24
N ARG A 56 -9.45 -10.01 13.40
CA ARG A 56 -9.77 -11.42 13.63
C ARG A 56 -11.25 -11.72 13.49
N ASN A 57 -12.08 -10.69 13.55
CA ASN A 57 -13.52 -10.85 13.44
C ASN A 57 -13.91 -11.31 12.03
N LEU A 58 -13.18 -10.80 11.04
CA LEU A 58 -13.45 -11.15 9.65
C LEU A 58 -13.37 -12.65 9.47
N HIS A 59 -14.11 -13.17 8.48
CA HIS A 59 -14.08 -14.59 8.19
C HIS A 59 -12.67 -14.91 7.68
N VAL A 60 -12.15 -16.08 8.06
CA VAL A 60 -10.81 -16.49 7.68
C VAL A 60 -10.48 -16.30 6.18
N ASP A 61 -11.48 -16.49 5.33
CA ASP A 61 -11.30 -16.35 3.88
C ASP A 61 -11.30 -14.89 3.44
N ASP A 62 -12.06 -14.06 4.14
CA ASP A 62 -12.10 -12.65 3.82
C ASP A 62 -10.78 -11.99 4.25
N GLN A 63 -10.26 -12.42 5.40
CA GLN A 63 -8.99 -11.90 5.92
C GLN A 63 -7.90 -11.98 4.85
N MET A 64 -7.67 -13.18 4.32
CA MET A 64 -6.66 -13.39 3.30
C MET A 64 -6.91 -12.62 2.00
N ALA A 65 -8.16 -12.65 1.53
CA ALA A 65 -8.53 -11.97 0.30
C ALA A 65 -8.33 -10.47 0.41
N VAL A 66 -8.74 -9.93 1.54
CA VAL A 66 -8.61 -8.49 1.79
C VAL A 66 -7.13 -8.07 1.84
N ILE A 67 -6.29 -8.90 2.44
CA ILE A 67 -4.86 -8.62 2.52
C ILE A 67 -4.26 -8.66 1.12
N GLN A 68 -4.64 -9.67 0.34
CA GLN A 68 -4.12 -9.82 -1.01
C GLN A 68 -4.54 -8.68 -1.94
N TYR A 69 -5.80 -8.27 -1.88
CA TYR A 69 -6.28 -7.17 -2.73
C TYR A 69 -5.60 -5.85 -2.42
N SER A 70 -5.49 -5.52 -1.14
CA SER A 70 -4.88 -4.26 -0.73
C SER A 70 -3.36 -4.31 -0.58
N TRP A 71 -2.75 -5.46 -0.88
CA TRP A 71 -1.30 -5.64 -0.78
C TRP A 71 -0.50 -4.54 -1.50
N MET A 72 -0.84 -4.26 -2.75
CA MET A 72 -0.14 -3.23 -3.52
C MET A 72 -0.32 -1.83 -2.92
N GLY A 73 -1.57 -1.46 -2.65
CA GLY A 73 -1.84 -0.14 -2.08
C GLY A 73 -1.17 0.15 -0.76
N LEU A 74 -1.10 -0.85 0.11
CA LEU A 74 -0.47 -0.68 1.42
C LEU A 74 1.02 -0.42 1.26
N MET A 75 1.66 -1.13 0.33
CA MET A 75 3.09 -0.96 0.12
C MET A 75 3.39 0.41 -0.45
N VAL A 76 2.53 0.86 -1.36
CA VAL A 76 2.67 2.16 -2.01
C VAL A 76 2.65 3.28 -0.98
N PHE A 77 1.68 3.20 -0.07
CA PHE A 77 1.50 4.20 0.96
C PHE A 77 2.70 4.24 1.91
N ALA A 78 3.14 3.07 2.36
CA ALA A 78 4.27 2.99 3.27
C ALA A 78 5.58 3.39 2.59
N MET A 79 5.68 3.13 1.29
CA MET A 79 6.90 3.46 0.57
C MET A 79 7.00 4.96 0.37
N GLY A 80 5.86 5.61 0.14
CA GLY A 80 5.83 7.05 -0.03
C GLY A 80 6.16 7.77 1.27
N TRP A 81 5.72 7.21 2.39
CA TRP A 81 6.02 7.82 3.68
C TRP A 81 7.51 7.65 3.93
N ARG A 82 8.05 6.46 3.64
CA ARG A 82 9.47 6.20 3.82
C ARG A 82 10.30 7.14 2.96
N SER A 83 9.88 7.33 1.72
CA SER A 83 10.61 8.21 0.81
C SER A 83 10.61 9.63 1.35
N PHE A 84 9.50 10.03 1.96
CA PHE A 84 9.37 11.38 2.52
C PHE A 84 10.25 11.60 3.74
N THR A 85 10.13 10.73 4.74
CA THR A 85 10.91 10.88 5.95
C THR A 85 12.41 10.62 5.78
N ASN A 86 12.75 9.58 5.01
CA ASN A 86 14.14 9.21 4.80
C ASN A 86 14.95 10.08 3.83
N VAL A 87 14.44 10.28 2.62
CA VAL A 87 15.15 11.04 1.61
C VAL A 87 14.44 12.30 1.13
N ASN A 88 13.35 12.66 1.79
CA ASN A 88 12.61 13.86 1.42
C ASN A 88 11.98 13.84 0.04
N SER A 89 11.61 12.65 -0.43
CA SER A 89 10.98 12.51 -1.73
C SER A 89 11.97 12.73 -2.88
N ARG A 90 13.25 12.82 -2.55
CA ARG A 90 14.28 13.02 -3.56
C ARG A 90 14.38 11.76 -4.42
N MET A 91 14.08 10.62 -3.82
CA MET A 91 14.09 9.34 -4.52
C MET A 91 13.01 8.47 -3.90
N LEU A 92 12.77 7.29 -4.49
CA LEU A 92 11.77 6.39 -3.96
C LEU A 92 12.48 5.34 -3.14
N TYR A 93 12.23 5.38 -1.84
CA TYR A 93 12.83 4.49 -0.86
C TYR A 93 12.07 3.16 -0.77
N PHE A 94 12.22 2.29 -1.76
CA PHE A 94 11.52 1.00 -1.71
C PHE A 94 12.06 0.21 -0.53
N ALA A 95 13.35 0.32 -0.32
CA ALA A 95 14.02 -0.37 0.75
C ALA A 95 15.39 0.28 0.85
N PRO A 96 16.08 0.09 1.99
CA PRO A 96 17.41 0.69 2.18
C PRO A 96 18.35 0.33 1.03
N ASP A 97 18.27 -0.93 0.59
CA ASP A 97 19.11 -1.43 -0.49
C ASP A 97 18.43 -1.40 -1.86
N LEU A 98 17.36 -0.62 -1.99
CA LEU A 98 16.66 -0.52 -3.26
C LEU A 98 16.02 0.86 -3.35
N VAL A 99 16.86 1.86 -3.55
CA VAL A 99 16.38 3.24 -3.66
C VAL A 99 16.41 3.62 -5.13
N PHE A 100 15.27 4.11 -5.63
CA PHE A 100 15.15 4.48 -7.03
C PHE A 100 15.36 5.95 -7.38
N ASN A 101 16.30 6.21 -8.27
CA ASN A 101 16.51 7.57 -8.77
C ASN A 101 15.76 7.54 -10.11
N GLU A 102 15.63 8.69 -10.76
CA GLU A 102 14.90 8.74 -12.04
C GLU A 102 15.40 7.73 -13.05
N TYR A 103 16.71 7.51 -13.08
CA TYR A 103 17.31 6.57 -14.01
C TYR A 103 16.75 5.16 -13.79
N ARG A 104 16.59 4.80 -12.51
CA ARG A 104 16.08 3.48 -12.16
C ARG A 104 14.57 3.40 -12.43
N MET A 105 13.89 4.52 -12.20
CA MET A 105 12.45 4.58 -12.44
C MET A 105 12.22 4.29 -13.91
N HIS A 106 13.07 4.87 -14.75
CA HIS A 106 12.97 4.70 -16.19
C HIS A 106 13.33 3.29 -16.62
N LYS A 107 14.40 2.73 -16.06
CA LYS A 107 14.83 1.38 -16.43
C LYS A 107 13.85 0.29 -16.00
N SER A 108 13.14 0.52 -14.89
CA SER A 108 12.18 -0.42 -14.38
C SER A 108 10.93 -0.47 -15.26
N ARG A 109 10.80 0.54 -16.12
CA ARG A 109 9.66 0.68 -17.03
C ARG A 109 8.35 0.94 -16.27
N MET A 110 8.49 1.41 -15.03
CA MET A 110 7.35 1.76 -14.19
C MET A 110 7.49 3.24 -13.90
N TYR A 111 8.03 3.99 -14.87
CA TYR A 111 8.26 5.41 -14.67
C TYR A 111 7.04 6.24 -14.33
N SER A 112 5.97 6.08 -15.10
CA SER A 112 4.75 6.83 -14.83
C SER A 112 4.30 6.59 -13.40
N GLN A 113 4.29 5.32 -13.00
CA GLN A 113 3.86 4.97 -11.65
C GLN A 113 4.81 5.52 -10.59
N CYS A 114 6.11 5.44 -10.84
CA CYS A 114 7.08 5.96 -9.89
C CYS A 114 6.90 7.45 -9.67
N VAL A 115 6.76 8.20 -10.75
CA VAL A 115 6.57 9.65 -10.64
C VAL A 115 5.33 9.98 -9.83
N ARG A 116 4.31 9.13 -9.91
CA ARG A 116 3.09 9.35 -9.16
C ARG A 116 3.33 9.10 -7.69
N MET A 117 4.13 8.07 -7.37
CA MET A 117 4.42 7.76 -5.98
C MET A 117 5.35 8.82 -5.40
N ARG A 118 6.20 9.43 -6.23
CA ARG A 118 7.10 10.46 -5.74
C ARG A 118 6.24 11.65 -5.30
N HIS A 119 5.22 11.94 -6.11
CA HIS A 119 4.29 13.03 -5.84
C HIS A 119 3.51 12.75 -4.54
N LEU A 120 3.16 11.48 -4.33
CA LEU A 120 2.44 11.06 -3.14
C LEU A 120 3.35 11.34 -1.94
N SER A 121 4.60 10.99 -2.12
CA SER A 121 5.62 11.20 -1.10
C SER A 121 5.73 12.67 -0.74
N GLN A 122 5.58 13.56 -1.73
CA GLN A 122 5.69 14.98 -1.45
C GLN A 122 4.47 15.50 -0.70
N GLU A 123 3.34 14.84 -0.91
CA GLU A 123 2.10 15.19 -0.25
C GLU A 123 2.23 15.02 1.27
N PHE A 124 2.94 13.97 1.68
CA PHE A 124 3.12 13.75 3.11
C PHE A 124 3.74 14.98 3.76
N GLY A 125 4.63 15.64 3.03
CA GLY A 125 5.27 16.83 3.54
C GLY A 125 4.42 18.08 3.37
N TRP A 126 3.86 18.26 2.18
CA TRP A 126 3.03 19.42 1.90
C TRP A 126 1.83 19.49 2.84
N LEU A 127 1.19 18.34 3.07
CA LEU A 127 0.02 18.27 3.95
C LEU A 127 0.41 18.12 5.42
N GLN A 128 1.70 17.92 5.67
CA GLN A 128 2.18 17.75 7.04
C GLN A 128 1.49 16.58 7.73
N ILE A 129 1.49 15.44 7.07
CA ILE A 129 0.88 14.24 7.64
C ILE A 129 1.68 13.84 8.88
N THR A 130 1.02 13.77 10.03
CA THR A 130 1.70 13.39 11.27
C THR A 130 1.91 11.88 11.25
N PRO A 131 2.89 11.38 12.02
CA PRO A 131 3.15 9.94 12.09
C PRO A 131 1.92 9.12 12.50
N GLN A 132 1.01 9.75 13.25
CA GLN A 132 -0.17 9.05 13.70
C GLN A 132 -1.25 9.02 12.62
N GLU A 133 -1.43 10.14 11.91
CA GLU A 133 -2.41 10.18 10.82
C GLU A 133 -1.95 9.13 9.82
N PHE A 134 -0.65 9.07 9.57
CA PHE A 134 -0.09 8.09 8.64
C PHE A 134 -0.49 6.66 9.05
N LEU A 135 -0.22 6.31 10.31
CA LEU A 135 -0.54 4.98 10.82
C LEU A 135 -2.03 4.63 10.70
N CYS A 136 -2.90 5.57 11.00
CA CYS A 136 -4.34 5.30 10.92
C CYS A 136 -4.84 5.25 9.49
N MET A 137 -4.21 6.01 8.60
CA MET A 137 -4.61 6.00 7.20
C MET A 137 -4.20 4.67 6.58
N LYS A 138 -3.01 4.19 6.95
CA LYS A 138 -2.52 2.93 6.42
C LYS A 138 -3.41 1.76 6.83
N ALA A 139 -3.85 1.77 8.09
CA ALA A 139 -4.73 0.73 8.58
C ALA A 139 -6.05 0.76 7.79
N LEU A 140 -6.58 1.96 7.60
CA LEU A 140 -7.83 2.15 6.87
C LEU A 140 -7.71 1.64 5.42
N LEU A 141 -6.50 1.73 4.86
CA LEU A 141 -6.22 1.30 3.50
C LEU A 141 -6.44 -0.21 3.32
N LEU A 142 -6.28 -0.97 4.40
CA LEU A 142 -6.48 -2.41 4.35
C LEU A 142 -7.97 -2.74 4.13
N PHE A 143 -8.84 -1.83 4.55
CA PHE A 143 -10.28 -2.02 4.42
C PHE A 143 -10.87 -1.10 3.34
N SER A 144 -10.17 -0.98 2.21
CA SER A 144 -10.64 -0.09 1.14
C SER A 144 -10.72 -0.69 -0.27
N ILE A 145 -10.97 -1.99 -0.35
CA ILE A 145 -11.09 -2.67 -1.64
C ILE A 145 -11.84 -4.00 -1.45
N ILE A 146 -13.08 -4.06 -1.94
CA ILE A 146 -13.94 -5.23 -1.78
C ILE A 146 -14.53 -5.82 -3.08
N PRO A 147 -14.94 -7.11 -3.04
CA PRO A 147 -15.53 -7.81 -4.19
C PRO A 147 -16.96 -7.34 -4.40
N VAL A 148 -17.34 -7.10 -5.65
CA VAL A 148 -18.70 -6.67 -5.95
C VAL A 148 -19.69 -7.74 -5.49
N ASP A 149 -19.27 -9.01 -5.53
CA ASP A 149 -20.13 -10.12 -5.10
C ASP A 149 -20.18 -10.21 -3.59
N GLY A 150 -19.39 -9.38 -2.92
CA GLY A 150 -19.37 -9.36 -1.47
C GLY A 150 -18.46 -10.38 -0.81
N LEU A 151 -18.02 -10.05 0.40
CA LEU A 151 -17.16 -10.94 1.17
C LEU A 151 -18.04 -12.02 1.82
N LYS A 152 -17.42 -13.04 2.41
CA LYS A 152 -18.19 -14.10 3.05
C LYS A 152 -19.09 -13.49 4.11
N ASN A 153 -18.55 -12.51 4.82
CA ASN A 153 -19.31 -11.81 5.85
C ASN A 153 -19.07 -10.32 5.68
N GLN A 154 -19.76 -9.74 4.70
CA GLN A 154 -19.64 -8.33 4.37
C GLN A 154 -19.93 -7.39 5.53
N LYS A 155 -20.93 -7.72 6.35
CA LYS A 155 -21.30 -6.86 7.48
C LYS A 155 -20.19 -6.57 8.47
N PHE A 156 -19.45 -7.61 8.89
CA PHE A 156 -18.36 -7.43 9.83
C PHE A 156 -17.28 -6.53 9.24
N PHE A 157 -17.10 -6.63 7.93
CA PHE A 157 -16.12 -5.80 7.25
C PHE A 157 -16.59 -4.35 7.31
N ASP A 158 -17.87 -4.14 6.99
CA ASP A 158 -18.44 -2.79 7.02
C ASP A 158 -18.29 -2.16 8.39
N GLU A 159 -18.59 -2.92 9.45
CA GLU A 159 -18.46 -2.43 10.81
C GLU A 159 -17.01 -2.05 11.07
N LEU A 160 -16.11 -2.96 10.74
CA LEU A 160 -14.69 -2.78 10.95
C LEU A 160 -14.17 -1.52 10.24
N ARG A 161 -14.55 -1.33 8.97
CA ARG A 161 -14.12 -0.16 8.21
C ARG A 161 -14.66 1.12 8.84
N MET A 162 -15.93 1.09 9.23
CA MET A 162 -16.56 2.26 9.86
C MET A 162 -15.85 2.65 11.15
N ASN A 163 -15.36 1.65 11.88
CA ASN A 163 -14.65 1.93 13.13
C ASN A 163 -13.27 2.52 12.87
N TYR A 164 -12.63 2.12 11.78
CA TYR A 164 -11.33 2.68 11.46
C TYR A 164 -11.50 4.13 10.99
N ILE A 165 -12.58 4.41 10.28
CA ILE A 165 -12.84 5.76 9.82
C ILE A 165 -13.07 6.64 11.05
N LYS A 166 -13.80 6.10 12.04
CA LYS A 166 -14.09 6.81 13.28
C LYS A 166 -12.81 7.09 14.07
N GLU A 167 -11.82 6.19 14.00
CA GLU A 167 -10.56 6.41 14.71
C GLU A 167 -9.80 7.55 14.05
N LEU A 168 -9.87 7.61 12.72
CA LEU A 168 -9.20 8.67 11.97
C LEU A 168 -9.84 10.00 12.36
N ASP A 169 -11.15 9.97 12.60
CA ASP A 169 -11.93 11.15 13.01
C ASP A 169 -11.40 11.66 14.34
N ARG A 170 -11.09 10.72 15.22
CA ARG A 170 -10.59 11.07 16.54
C ARG A 170 -9.18 11.64 16.47
N ILE A 171 -8.33 11.03 15.65
CA ILE A 171 -6.98 11.53 15.50
C ILE A 171 -7.01 12.96 14.96
N ILE A 172 -7.95 13.24 14.07
CA ILE A 172 -8.08 14.57 13.48
C ILE A 172 -8.65 15.55 14.50
N ALA A 173 -9.60 15.09 15.29
CA ALA A 173 -10.23 15.92 16.30
C ALA A 173 -9.27 16.22 17.44
N CYS A 174 -8.31 15.32 17.65
CA CYS A 174 -7.33 15.50 18.72
C CYS A 174 -6.51 16.78 18.47
N LYS A 175 -6.87 17.83 19.19
CA LYS A 175 -6.21 19.15 19.11
C LYS A 175 -6.80 20.08 18.06
N ARG A 176 -8.07 19.84 17.73
CA ARG A 176 -8.80 20.67 16.77
C ARG A 176 -10.21 20.88 17.27
N LYS A 177 -10.45 22.03 17.88
CA LYS A 177 -11.78 22.33 18.40
C LYS A 177 -12.71 22.77 17.27
N ASN A 178 -12.20 23.59 16.36
CA ASN A 178 -12.98 24.09 15.25
C ASN A 178 -13.44 22.97 14.33
N PRO A 179 -14.76 22.70 14.28
CA PRO A 179 -15.31 21.64 13.43
C PRO A 179 -14.91 21.84 11.97
N THR A 180 -14.84 23.10 11.56
CA THR A 180 -14.47 23.46 10.20
C THR A 180 -13.03 23.02 9.95
N SER A 181 -12.22 23.06 11.02
CA SER A 181 -10.83 22.65 10.95
C SER A 181 -10.74 21.14 10.71
N CYS A 182 -11.54 20.38 11.46
CA CYS A 182 -11.58 18.92 11.34
C CYS A 182 -12.09 18.50 9.95
N SER A 183 -13.08 19.22 9.45
CA SER A 183 -13.64 18.94 8.13
C SER A 183 -12.57 19.08 7.06
N ARG A 184 -11.94 20.25 6.98
CA ARG A 184 -10.89 20.48 5.99
C ARG A 184 -9.80 19.40 6.05
N ARG A 185 -9.49 18.95 7.26
CA ARG A 185 -8.47 17.92 7.42
C ARG A 185 -8.96 16.58 6.90
N PHE A 186 -10.20 16.22 7.23
CA PHE A 186 -10.77 14.94 6.78
C PHE A 186 -10.79 14.93 5.26
N TYR A 187 -11.16 16.05 4.66
CA TYR A 187 -11.21 16.18 3.22
C TYR A 187 -9.83 15.85 2.64
N GLN A 188 -8.80 16.51 3.16
CA GLN A 188 -7.43 16.32 2.70
C GLN A 188 -6.93 14.89 2.77
N LEU A 189 -7.11 14.24 3.92
CA LEU A 189 -6.66 12.86 4.12
C LEU A 189 -7.45 11.87 3.28
N THR A 190 -8.77 12.06 3.19
CA THR A 190 -9.59 11.16 2.38
C THR A 190 -9.18 11.32 0.91
N LYS A 191 -8.84 12.54 0.52
CA LYS A 191 -8.42 12.81 -0.85
C LYS A 191 -7.05 12.18 -1.09
N LEU A 192 -6.15 12.30 -0.10
CA LEU A 192 -4.83 11.71 -0.24
C LEU A 192 -4.93 10.18 -0.32
N LEU A 193 -5.82 9.60 0.49
CA LEU A 193 -6.03 8.15 0.49
C LEU A 193 -6.55 7.62 -0.85
N ASP A 194 -7.48 8.35 -1.47
CA ASP A 194 -8.02 7.94 -2.77
C ASP A 194 -6.92 7.89 -3.82
N SER A 195 -6.03 8.89 -3.78
CA SER A 195 -4.94 8.99 -4.75
C SER A 195 -4.04 7.76 -4.80
N VAL A 196 -4.10 6.92 -3.76
CA VAL A 196 -3.29 5.71 -3.73
C VAL A 196 -3.81 4.67 -4.72
N GLN A 197 -5.14 4.63 -4.87
CA GLN A 197 -5.80 3.66 -5.74
C GLN A 197 -5.41 3.69 -7.22
N PRO A 198 -5.45 4.87 -7.85
CA PRO A 198 -5.08 4.91 -9.26
C PRO A 198 -3.65 4.39 -9.49
N ILE A 199 -2.78 4.64 -8.52
CA ILE A 199 -1.39 4.19 -8.60
C ILE A 199 -1.36 2.68 -8.48
N ALA A 200 -2.10 2.14 -7.51
CA ALA A 200 -2.14 0.69 -7.33
C ALA A 200 -2.64 0.00 -8.59
N ARG A 201 -3.67 0.59 -9.22
CA ARG A 201 -4.25 0.05 -10.45
C ARG A 201 -3.16 -0.04 -11.52
N GLU A 202 -2.45 1.07 -11.74
CA GLU A 202 -1.38 1.10 -12.76
C GLU A 202 -0.29 0.08 -12.44
N LEU A 203 0.04 -0.06 -11.16
CA LEU A 203 1.05 -1.02 -10.77
C LEU A 203 0.52 -2.44 -10.97
N HIS A 204 -0.75 -2.65 -10.65
CA HIS A 204 -1.38 -3.96 -10.84
C HIS A 204 -1.35 -4.33 -12.31
N GLN A 205 -1.73 -3.38 -13.16
CA GLN A 205 -1.74 -3.59 -14.61
C GLN A 205 -0.34 -3.99 -15.09
N PHE A 206 0.65 -3.19 -14.70
CA PHE A 206 2.05 -3.42 -15.04
C PHE A 206 2.51 -4.82 -14.59
N THR A 207 2.21 -5.17 -13.35
CA THR A 207 2.60 -6.47 -12.81
C THR A 207 1.95 -7.61 -13.59
N PHE A 208 0.68 -7.43 -13.93
CA PHE A 208 -0.04 -8.45 -14.69
C PHE A 208 0.61 -8.68 -16.04
N ASP A 209 0.83 -7.60 -16.80
CA ASP A 209 1.47 -7.74 -18.11
C ASP A 209 2.86 -8.36 -18.01
N LEU A 210 3.62 -7.93 -17.00
CA LEU A 210 4.97 -8.42 -16.80
C LEU A 210 5.01 -9.91 -16.51
N LEU A 211 4.05 -10.40 -15.72
CA LEU A 211 3.98 -11.83 -15.41
C LEU A 211 3.70 -12.64 -16.68
N ILE A 212 2.68 -12.22 -17.43
CA ILE A 212 2.29 -12.90 -18.65
C ILE A 212 3.46 -13.07 -19.63
N LYS A 213 4.38 -12.11 -19.63
CA LYS A 213 5.52 -12.19 -20.53
C LYS A 213 6.81 -12.37 -19.76
N SER A 214 6.69 -12.69 -18.48
CA SER A 214 7.86 -12.88 -17.61
C SER A 214 9.00 -13.62 -18.29
N HIS A 215 8.69 -14.78 -18.87
CA HIS A 215 9.69 -15.61 -19.54
C HIS A 215 10.43 -14.94 -20.68
N MET A 216 9.80 -13.97 -21.32
CA MET A 216 10.44 -13.27 -22.44
C MET A 216 11.42 -12.18 -21.99
N VAL A 217 11.23 -11.64 -20.80
CA VAL A 217 12.12 -10.59 -20.29
C VAL A 217 13.05 -11.05 -19.18
N SER A 218 13.11 -12.34 -18.95
CA SER A 218 13.98 -12.92 -17.93
C SER A 218 13.70 -12.44 -16.50
N VAL A 219 12.45 -12.16 -16.18
CA VAL A 219 12.10 -11.72 -14.82
C VAL A 219 11.74 -12.96 -14.01
N ASP A 220 12.15 -12.98 -12.74
CA ASP A 220 11.88 -14.10 -11.86
C ASP A 220 10.81 -13.79 -10.82
N PHE A 221 9.64 -14.40 -11.00
CA PHE A 221 8.53 -14.21 -10.08
C PHE A 221 8.50 -15.32 -9.06
N PRO A 222 8.46 -14.96 -7.76
CA PRO A 222 8.42 -15.98 -6.72
C PRO A 222 7.19 -16.85 -6.94
N GLU A 223 7.30 -18.13 -6.61
CA GLU A 223 6.21 -19.08 -6.76
C GLU A 223 4.90 -18.59 -6.14
N MET A 224 4.99 -18.03 -4.94
CA MET A 224 3.79 -17.54 -4.25
C MET A 224 3.18 -16.31 -4.89
N MET A 225 4.02 -15.35 -5.24
CA MET A 225 3.55 -14.11 -5.85
C MET A 225 2.90 -14.35 -7.22
N ALA A 226 3.45 -15.27 -8.01
CA ALA A 226 2.92 -15.56 -9.33
C ALA A 226 1.49 -16.08 -9.22
N GLU A 227 1.29 -17.02 -8.31
CA GLU A 227 -0.01 -17.61 -8.08
C GLU A 227 -1.02 -16.56 -7.65
N ILE A 228 -0.63 -15.71 -6.71
CA ILE A 228 -1.52 -14.67 -6.22
C ILE A 228 -1.89 -13.67 -7.32
N ILE A 229 -0.91 -13.33 -8.15
CA ILE A 229 -1.16 -12.40 -9.26
C ILE A 229 -2.16 -13.00 -10.24
N SER A 230 -1.93 -14.24 -10.65
CA SER A 230 -2.79 -14.91 -11.62
C SER A 230 -4.22 -15.11 -11.15
N VAL A 231 -4.43 -15.23 -9.84
CA VAL A 231 -5.78 -15.44 -9.32
C VAL A 231 -6.46 -14.16 -8.87
N GLN A 232 -5.71 -13.28 -8.21
CA GLN A 232 -6.28 -12.06 -7.66
C GLN A 232 -6.23 -10.80 -8.51
N VAL A 233 -5.09 -10.55 -9.16
CA VAL A 233 -4.96 -9.34 -9.97
C VAL A 233 -6.02 -9.20 -11.06
N PRO A 234 -6.34 -10.30 -11.78
CA PRO A 234 -7.36 -10.21 -12.84
C PRO A 234 -8.75 -9.82 -12.33
N LYS A 235 -9.07 -10.21 -11.09
CA LYS A 235 -10.37 -9.86 -10.51
C LYS A 235 -10.47 -8.35 -10.33
N ILE A 236 -9.33 -7.73 -10.01
CA ILE A 236 -9.27 -6.29 -9.81
C ILE A 236 -9.32 -5.55 -11.15
N LEU A 237 -8.49 -5.99 -12.10
CA LEU A 237 -8.43 -5.37 -13.41
C LEU A 237 -9.71 -5.57 -14.23
N SER A 238 -10.45 -6.65 -13.95
CA SER A 238 -11.68 -6.91 -14.69
C SER A 238 -12.88 -6.26 -14.01
N GLY A 239 -12.65 -5.61 -12.88
CA GLY A 239 -13.74 -4.94 -12.19
C GLY A 239 -14.53 -5.74 -11.17
N LYS A 240 -14.18 -7.01 -10.96
CA LYS A 240 -14.88 -7.81 -9.99
C LYS A 240 -14.59 -7.31 -8.57
N VAL A 241 -13.34 -6.91 -8.35
CA VAL A 241 -12.92 -6.41 -7.05
C VAL A 241 -12.59 -4.93 -7.26
N LYS A 242 -13.24 -4.06 -6.51
CA LYS A 242 -13.05 -2.63 -6.66
C LYS A 242 -12.70 -1.89 -5.36
N PRO A 243 -11.90 -0.82 -5.48
CA PRO A 243 -11.51 -0.02 -4.32
C PRO A 243 -12.64 0.90 -3.90
N ILE A 244 -12.68 1.24 -2.62
CA ILE A 244 -13.71 2.14 -2.13
C ILE A 244 -13.13 3.52 -2.09
N TYR A 245 -13.60 4.39 -2.98
CA TYR A 245 -13.13 5.76 -2.99
C TYR A 245 -14.03 6.55 -2.05
N PHE A 246 -13.49 7.61 -1.48
CA PHE A 246 -14.29 8.45 -0.61
C PHE A 246 -14.99 9.48 -1.49
N HIS A 247 -14.28 9.94 -2.51
CA HIS A 247 -14.78 10.96 -3.42
C HIS A 247 -15.12 10.44 -4.81
#